data_3GXU
#
_entry.id   3GXU
#
_cell.length_a   54.651
_cell.length_b   48.711
_cell.length_c   64.469
_cell.angle_alpha   90.00
_cell.angle_beta   110.43
_cell.angle_gamma   90.00
#
_symmetry.space_group_name_H-M   'P 1 21 1'
#
loop_
_entity.id
_entity.type
_entity.pdbx_description
1 polymer 'Ephrin type-A receptor 4'
2 polymer Ephrin-B2
3 water water
#
loop_
_entity_poly.entity_id
_entity_poly.type
_entity_poly.pdbx_seq_one_letter_code
_entity_poly.pdbx_strand_id
1 'polypeptide(L)'
;NEVTLLDSRSVQGELGWIASPLEGGWEEVSIMDEKNTPIRTYQVCNVMEPSQNNWLRTDWITREGAQRVYIEIKFTLRDC
NSLPGVMGTCKETFNLYYYESDNDKERFIRENQFVKIDTIAADESFTQVDIGDRIMKLNTEIRDVGPLSKKGFYLAFQDV
GACIALVSVRVFYKK
;
A
2 'polypeptide(L)'
;SIVLEPIYWNSSNSKFLPGQGLVLYPQIGDKLDIICPKVDSKTVGQYEYYKVYMVDKDQADRCTIKKENTPLLNCAKPDQ
DIKFTIKFQEFSPNLWGLEFQKNKDYYIISTSNGSLEGLDNQEGGVCQTRAMKILMKVGQDAS
;
B
#
# COMPACT_ATOMS: atom_id res chain seq x y z
N ASN A 1 28.07 -8.60 2.72
CA ASN A 1 27.56 -7.94 1.48
C ASN A 1 26.85 -6.62 1.77
N GLU A 2 25.77 -6.69 2.55
CA GLU A 2 25.01 -5.50 2.92
C GLU A 2 24.13 -5.82 4.13
N VAL A 3 24.37 -5.16 5.25
CA VAL A 3 23.54 -5.40 6.42
C VAL A 3 22.39 -4.40 6.43
N THR A 4 21.19 -4.91 6.21
CA THR A 4 20.01 -4.08 6.18
C THR A 4 19.61 -3.57 7.57
N LEU A 5 19.10 -2.35 7.60
CA LEU A 5 18.65 -1.70 8.83
C LEU A 5 17.18 -1.37 8.63
N LEU A 6 16.69 -1.64 7.43
CA LEU A 6 15.30 -1.37 7.08
C LEU A 6 14.93 -1.72 5.65
N ASP A 7 13.82 -2.43 5.51
CA ASP A 7 13.27 -2.80 4.22
C ASP A 7 11.77 -2.73 4.40
N SER A 8 11.16 -1.74 3.76
CA SER A 8 9.72 -1.53 3.85
C SER A 8 8.93 -2.78 3.43
N ARG A 9 9.54 -3.61 2.60
CA ARG A 9 8.86 -4.82 2.13
C ARG A 9 8.76 -5.93 3.16
N SER A 10 9.77 -6.03 4.02
CA SER A 10 9.81 -7.09 5.01
C SER A 10 9.67 -6.66 6.46
N VAL A 11 8.92 -5.59 6.71
CA VAL A 11 8.73 -5.11 8.07
C VAL A 11 7.39 -5.63 8.59
N GLN A 12 6.65 -6.30 7.72
CA GLN A 12 5.35 -6.86 8.10
C GLN A 12 4.41 -5.83 8.70
N GLY A 13 3.19 -6.28 8.97
CA GLY A 13 2.17 -5.43 9.55
C GLY A 13 1.96 -4.18 8.73
N GLU A 14 1.47 -3.14 9.41
CA GLU A 14 1.21 -1.85 8.80
C GLU A 14 2.49 -1.06 8.96
N LEU A 15 2.74 -0.13 8.04
CA LEU A 15 3.95 0.69 8.09
C LEU A 15 3.74 1.83 9.09
N GLY A 16 2.56 2.45 9.03
CA GLY A 16 2.20 3.52 9.95
C GLY A 16 3.15 4.70 10.15
N TRP A 17 3.98 5.00 9.15
CA TRP A 17 4.89 6.12 9.28
C TRP A 17 4.08 7.40 9.44
N ILE A 18 4.58 8.33 10.25
CA ILE A 18 3.88 9.59 10.44
C ILE A 18 4.04 10.46 9.20
N ALA A 19 2.98 11.16 8.84
CA ALA A 19 3.00 12.02 7.67
C ALA A 19 2.32 13.35 7.97
N SER A 20 2.77 14.41 7.32
CA SER A 20 2.22 15.75 7.53
C SER A 20 1.82 16.30 6.16
N PRO A 21 0.50 16.49 5.92
CA PRO A 21 -0.64 16.24 6.82
C PRO A 21 -0.91 14.74 6.95
N LEU A 22 -1.58 14.34 8.04
CA LEU A 22 -1.84 12.91 8.26
C LEU A 22 -2.49 12.19 7.07
N GLU A 23 -3.22 12.96 6.26
CA GLU A 23 -3.86 12.41 5.06
C GLU A 23 -4.08 13.54 4.06
N GLY A 24 -4.28 13.18 2.79
CA GLY A 24 -4.48 14.19 1.76
C GLY A 24 -3.22 14.32 0.94
N GLY A 25 -2.13 13.83 1.52
CA GLY A 25 -0.83 13.84 0.88
C GLY A 25 -0.35 12.41 0.77
N TRP A 26 0.68 12.05 1.53
CA TRP A 26 1.16 10.68 1.49
C TRP A 26 0.15 9.77 2.16
N GLU A 27 -0.17 8.68 1.49
CA GLU A 27 -1.13 7.70 2.01
C GLU A 27 -0.50 6.34 1.86
N GLU A 28 -0.68 5.49 2.88
CA GLU A 28 -0.12 4.16 2.82
C GLU A 28 -1.13 3.19 2.21
N VAL A 29 -0.88 2.80 0.96
CA VAL A 29 -1.75 1.89 0.23
C VAL A 29 -1.01 0.59 -0.09
N SER A 30 -1.76 -0.48 -0.35
CA SER A 30 -1.17 -1.77 -0.68
C SER A 30 -1.13 -1.99 -2.18
N ILE A 31 -0.35 -2.98 -2.61
CA ILE A 31 -0.22 -3.34 -4.03
C ILE A 31 0.25 -4.78 -4.15
N MET A 32 0.13 -5.35 -5.34
CA MET A 32 0.58 -6.71 -5.58
C MET A 32 1.95 -6.68 -6.25
N ASP A 33 2.98 -7.00 -5.47
CA ASP A 33 4.37 -7.03 -5.92
C ASP A 33 4.47 -7.39 -7.38
N GLU A 34 5.55 -6.96 -8.03
CA GLU A 34 5.75 -7.29 -9.43
C GLU A 34 5.77 -8.82 -9.44
N LYS A 35 6.30 -9.36 -8.35
CA LYS A 35 6.38 -10.81 -8.14
C LYS A 35 5.22 -11.22 -7.24
N ASN A 36 4.10 -10.52 -7.38
CA ASN A 36 2.86 -10.76 -6.63
C ASN A 36 2.80 -10.43 -5.15
N THR A 37 3.81 -10.85 -4.37
CA THR A 37 3.82 -10.62 -2.92
C THR A 37 3.18 -9.27 -2.51
N PRO A 38 2.19 -9.30 -1.60
CA PRO A 38 1.52 -8.09 -1.14
C PRO A 38 2.41 -7.17 -0.30
N ILE A 39 2.66 -5.97 -0.80
CA ILE A 39 3.50 -5.01 -0.07
C ILE A 39 2.75 -3.75 0.33
N ARG A 40 3.32 -3.02 1.29
CA ARG A 40 2.73 -1.77 1.77
C ARG A 40 3.51 -0.62 1.13
N THR A 41 2.81 0.31 0.50
CA THR A 41 3.51 1.43 -0.12
C THR A 41 2.95 2.75 0.34
N TYR A 42 3.67 3.81 -0.03
CA TYR A 42 3.30 5.17 0.30
C TYR A 42 3.16 5.94 -0.99
N GLN A 43 2.24 6.89 -1.03
CA GLN A 43 2.03 7.64 -2.24
C GLN A 43 1.30 8.95 -2.04
N VAL A 44 1.37 9.78 -3.08
CA VAL A 44 0.72 11.08 -3.14
C VAL A 44 0.78 11.49 -4.61
N CYS A 45 -0.24 12.20 -5.09
CA CYS A 45 -0.29 12.63 -6.48
C CYS A 45 -1.10 13.92 -6.60
N ASN A 46 -0.95 14.82 -5.65
CA ASN A 46 -1.68 16.08 -5.69
C ASN A 46 -1.04 17.00 -6.71
N VAL A 47 -1.03 16.56 -7.97
CA VAL A 47 -0.41 17.31 -9.06
C VAL A 47 -1.22 18.54 -9.47
N MET A 48 -2.54 18.44 -9.41
CA MET A 48 -3.39 19.55 -9.80
C MET A 48 -3.54 20.64 -8.72
N GLU A 49 -3.02 20.36 -7.51
CA GLU A 49 -3.10 21.33 -6.40
C GLU A 49 -1.82 22.14 -6.19
N PRO A 50 -1.97 23.41 -5.76
CA PRO A 50 -0.87 24.34 -5.51
C PRO A 50 -0.23 24.22 -4.12
N SER A 51 0.98 24.72 -3.99
CA SER A 51 1.73 24.70 -2.74
C SER A 51 1.78 23.34 -2.03
N GLN A 52 2.32 22.35 -2.72
CA GLN A 52 2.44 21.01 -2.13
C GLN A 52 3.67 20.97 -1.26
N ASN A 53 3.51 20.35 -0.09
CA ASN A 53 4.60 20.22 0.87
C ASN A 53 4.23 19.09 1.81
N ASN A 54 4.02 17.92 1.23
CA ASN A 54 3.65 16.73 1.98
C ASN A 54 4.88 15.98 2.51
N TRP A 55 4.90 15.73 3.81
CA TRP A 55 6.02 15.05 4.44
C TRP A 55 5.68 13.67 4.94
N LEU A 56 6.68 12.80 4.89
CA LEU A 56 6.55 11.42 5.32
C LEU A 56 7.89 10.98 5.89
N ARG A 57 8.02 10.95 7.21
CA ARG A 57 9.27 10.51 7.78
C ARG A 57 9.04 9.13 8.37
N THR A 58 9.96 8.22 8.08
CA THR A 58 9.89 6.85 8.55
C THR A 58 9.83 6.80 10.06
N ASP A 59 10.39 5.73 10.62
CA ASP A 59 10.44 5.57 12.06
C ASP A 59 11.90 5.52 12.46
N TRP A 60 12.16 5.40 13.75
CA TRP A 60 13.54 5.36 14.19
C TRP A 60 14.31 4.22 13.54
N ILE A 61 15.44 4.55 12.93
CA ILE A 61 16.29 3.56 12.28
C ILE A 61 17.66 3.62 12.93
N THR A 62 18.03 2.53 13.60
CA THR A 62 19.34 2.43 14.25
C THR A 62 20.47 2.30 13.22
N ARG A 63 21.62 2.91 13.52
CA ARG A 63 22.75 2.83 12.59
C ARG A 63 23.63 1.65 12.99
N GLU A 64 23.13 0.89 13.95
CA GLU A 64 23.79 -0.31 14.45
C GLU A 64 25.31 -0.18 14.57
N GLY A 65 25.78 0.99 14.94
CA GLY A 65 27.22 1.17 15.08
C GLY A 65 27.93 1.27 13.74
N ALA A 66 27.32 1.94 12.78
CA ALA A 66 27.91 2.12 11.46
C ALA A 66 28.04 3.62 11.15
N GLN A 67 28.97 3.99 10.27
CA GLN A 67 29.14 5.41 9.96
C GLN A 67 28.36 5.87 8.74
N ARG A 68 28.71 5.33 7.58
CA ARG A 68 28.03 5.67 6.33
C ARG A 68 26.86 4.71 6.18
N VAL A 69 25.70 5.24 5.79
CA VAL A 69 24.54 4.38 5.61
C VAL A 69 23.92 4.62 4.25
N TYR A 70 23.64 3.53 3.54
CA TYR A 70 23.06 3.63 2.21
C TYR A 70 21.54 3.55 2.24
N ILE A 71 20.91 4.29 1.33
CA ILE A 71 19.46 4.32 1.26
C ILE A 71 19.00 3.88 -0.13
N GLU A 72 18.23 2.79 -0.20
CA GLU A 72 17.73 2.28 -1.48
C GLU A 72 16.23 2.53 -1.64
N ILE A 73 15.86 3.46 -2.53
CA ILE A 73 14.46 3.80 -2.76
C ILE A 73 13.93 3.25 -4.07
N LYS A 74 12.69 2.78 -4.06
CA LYS A 74 12.08 2.24 -5.26
C LYS A 74 10.72 2.86 -5.47
N PHE A 75 10.71 3.87 -6.32
CA PHE A 75 9.51 4.63 -6.64
C PHE A 75 9.07 4.44 -8.06
N THR A 76 7.87 4.92 -8.38
CA THR A 76 7.33 4.76 -9.71
C THR A 76 7.09 6.07 -10.47
N LEU A 77 6.21 6.93 -9.96
CA LEU A 77 5.90 8.20 -10.64
C LEU A 77 5.15 8.07 -11.96
N ARG A 78 3.85 8.34 -11.93
CA ARG A 78 3.05 8.28 -13.13
C ARG A 78 3.23 9.60 -13.88
N ASP A 79 3.38 9.53 -15.20
CA ASP A 79 3.54 10.73 -16.02
C ASP A 79 2.35 11.64 -15.73
N CYS A 80 2.63 12.76 -15.09
CA CYS A 80 1.63 13.76 -14.72
C CYS A 80 0.53 13.98 -15.75
N ASN A 81 0.85 14.68 -16.85
CA ASN A 81 -0.15 14.98 -17.85
C ASN A 81 -0.66 13.82 -18.68
N SER A 82 -0.97 12.72 -17.97
CA SER A 82 -1.56 11.53 -18.58
C SER A 82 -2.90 11.53 -17.85
N LEU A 83 -3.11 12.62 -17.11
CA LEU A 83 -4.32 12.84 -16.33
C LEU A 83 -5.11 13.97 -16.97
N PRO A 84 -6.43 14.01 -16.70
CA PRO A 84 -7.33 15.03 -17.23
C PRO A 84 -6.73 16.44 -17.24
N GLY A 88 1.49 20.05 -18.35
CA GLY A 88 2.73 20.36 -19.03
C GLY A 88 3.91 20.33 -18.06
N THR A 89 4.12 21.44 -17.35
CA THR A 89 5.20 21.53 -16.38
C THR A 89 4.94 20.43 -15.36
N CYS A 90 5.90 19.52 -15.21
CA CYS A 90 5.70 18.41 -14.28
C CYS A 90 6.80 18.06 -13.32
N LYS A 91 6.42 18.01 -12.04
CA LYS A 91 7.37 17.68 -11.01
C LYS A 91 7.79 16.22 -11.12
N GLU A 92 9.03 16.00 -11.53
CA GLU A 92 9.55 14.66 -11.65
C GLU A 92 10.68 14.40 -10.66
N THR A 93 10.52 14.92 -9.44
CA THR A 93 11.49 14.74 -8.35
C THR A 93 10.84 14.88 -6.98
N PHE A 94 11.67 14.77 -5.95
CA PHE A 94 11.24 14.92 -4.56
C PHE A 94 12.51 14.98 -3.73
N ASN A 95 12.40 15.45 -2.49
CA ASN A 95 13.58 15.55 -1.64
C ASN A 95 13.63 14.48 -0.56
N LEU A 96 14.83 14.00 -0.32
CA LEU A 96 15.05 12.96 0.68
C LEU A 96 15.83 13.55 1.82
N TYR A 97 15.28 13.55 3.03
CA TYR A 97 15.99 14.11 4.18
C TYR A 97 16.29 13.05 5.22
N TYR A 98 16.95 13.50 6.30
CA TYR A 98 17.27 12.62 7.41
C TYR A 98 17.53 13.43 8.68
N TYR A 99 17.53 12.74 9.81
CA TYR A 99 17.73 13.37 11.10
C TYR A 99 18.30 12.36 12.09
N GLU A 100 19.47 12.69 12.63
CA GLU A 100 20.14 11.82 13.59
C GLU A 100 19.51 11.98 14.98
N SER A 101 19.42 10.89 15.73
CA SER A 101 18.82 10.96 17.04
C SER A 101 19.09 9.71 17.89
N ASP A 102 19.25 9.93 19.20
CA ASP A 102 19.48 8.83 20.13
C ASP A 102 18.12 8.50 20.73
N ASN A 103 17.12 9.29 20.36
CA ASN A 103 15.75 9.12 20.83
C ASN A 103 14.91 8.40 19.76
N ASP A 104 14.44 7.19 20.08
CA ASP A 104 13.67 6.38 19.15
C ASP A 104 12.14 6.55 19.28
N LYS A 105 11.72 7.69 19.82
CA LYS A 105 10.30 7.95 20.00
C LYS A 105 9.93 9.39 19.65
N GLU A 106 10.68 9.96 18.70
CA GLU A 106 10.42 11.33 18.26
C GLU A 106 9.01 11.29 17.72
N ARG A 107 8.16 12.24 18.12
CA ARG A 107 6.80 12.15 17.62
C ARG A 107 6.31 13.31 16.74
N PHE A 108 7.21 14.23 16.40
CA PHE A 108 6.82 15.34 15.55
C PHE A 108 7.91 15.70 14.55
N ILE A 109 8.98 16.30 15.08
CA ILE A 109 10.15 16.75 14.33
C ILE A 109 9.84 17.80 13.25
N GLU A 111 10.87 20.35 10.04
CA GLU A 111 11.48 20.37 8.72
C GLU A 111 12.87 20.98 8.78
N ASN A 112 12.96 22.21 9.26
CA ASN A 112 14.25 22.88 9.38
C ASN A 112 15.12 21.98 10.22
N GLN A 113 14.46 21.09 10.95
CA GLN A 113 15.14 20.14 11.81
C GLN A 113 15.84 19.12 10.93
N PHE A 114 15.23 18.83 9.78
CA PHE A 114 15.75 17.86 8.83
C PHE A 114 16.83 18.36 7.89
N VAL A 115 17.66 17.42 7.45
CA VAL A 115 18.74 17.69 6.52
C VAL A 115 18.49 17.01 5.18
N LYS A 116 18.55 17.80 4.12
CA LYS A 116 18.33 17.35 2.75
C LYS A 116 19.50 16.52 2.28
N ILE A 117 19.22 15.30 1.82
CA ILE A 117 20.27 14.42 1.33
C ILE A 117 20.50 14.66 -0.15
N ASP A 118 19.46 15.09 -0.85
CA ASP A 118 19.56 15.33 -2.29
C ASP A 118 18.18 15.42 -2.94
N THR A 119 18.12 16.11 -4.08
CA THR A 119 16.88 16.19 -4.82
C THR A 119 16.91 14.94 -5.68
N ILE A 120 16.00 14.01 -5.41
CA ILE A 120 15.96 12.76 -6.16
C ILE A 120 14.97 12.81 -7.32
N ALA A 121 15.32 12.21 -8.45
CA ALA A 121 14.42 12.23 -9.60
C ALA A 121 14.13 10.85 -10.18
N ALA A 122 13.11 10.80 -11.04
CA ALA A 122 12.68 9.58 -11.71
C ALA A 122 13.25 9.50 -13.12
N ASP A 123 14.01 8.46 -13.39
CA ASP A 123 14.60 8.27 -14.71
C ASP A 123 13.47 7.93 -15.70
N GLU A 124 12.45 7.23 -15.21
CA GLU A 124 11.31 6.84 -16.04
C GLU A 124 9.97 6.92 -15.30
N SER A 125 8.90 7.21 -16.03
CA SER A 125 7.56 7.27 -15.46
C SER A 125 6.65 6.48 -16.42
N PHE A 126 5.34 6.62 -16.28
CA PHE A 126 4.43 5.91 -17.17
C PHE A 126 3.14 6.69 -17.40
N THR A 127 2.38 6.29 -18.41
CA THR A 127 1.14 6.94 -18.74
C THR A 127 -0.07 6.07 -18.41
N GLN A 128 -0.10 4.86 -18.96
CA GLN A 128 -1.21 3.93 -18.70
C GLN A 128 -0.89 3.21 -17.41
N VAL A 129 -1.84 2.42 -16.92
CA VAL A 129 -1.61 1.71 -15.66
C VAL A 129 -0.45 0.73 -15.79
N ASP A 130 -0.66 -0.52 -15.40
CA ASP A 130 0.42 -1.52 -15.50
C ASP A 130 0.38 -2.20 -16.86
N ILE A 131 -0.57 -1.78 -17.70
CA ILE A 131 -0.72 -2.35 -19.02
C ILE A 131 0.55 -2.25 -19.85
N GLY A 132 1.13 -1.06 -19.94
CA GLY A 132 2.35 -0.87 -20.72
C GLY A 132 3.29 -2.05 -20.58
N ASP A 133 3.44 -2.82 -21.66
CA ASP A 133 4.30 -4.02 -21.66
C ASP A 133 3.92 -4.80 -20.40
N ARG A 134 4.92 -4.99 -19.56
CA ARG A 134 4.75 -5.61 -18.27
C ARG A 134 5.41 -4.48 -17.52
N ILE A 135 6.51 -4.72 -16.82
CA ILE A 135 7.14 -3.59 -16.17
C ILE A 135 8.36 -3.79 -15.31
N MET A 136 9.17 -2.74 -15.35
CA MET A 136 10.38 -2.59 -14.61
C MET A 136 10.82 -1.18 -14.96
N LYS A 137 9.83 -0.29 -14.93
CA LYS A 137 9.99 1.14 -15.15
C LYS A 137 10.23 1.64 -13.73
N LEU A 138 10.28 0.68 -12.81
CA LEU A 138 10.50 0.94 -11.40
C LEU A 138 11.87 1.55 -11.12
N ASN A 139 11.90 2.84 -10.91
CA ASN A 139 13.15 3.52 -10.62
C ASN A 139 13.65 3.02 -9.28
N THR A 140 14.96 3.02 -9.13
CA THR A 140 15.61 2.61 -7.90
C THR A 140 16.79 3.54 -7.75
N GLU A 141 16.69 4.45 -6.78
CA GLU A 141 17.76 5.41 -6.53
C GLU A 141 18.53 5.05 -5.27
N ILE A 142 19.85 5.17 -5.33
CA ILE A 142 20.71 4.88 -4.18
C ILE A 142 21.37 6.16 -3.65
N ARG A 143 21.38 6.35 -2.33
CA ARG A 143 21.98 7.54 -1.72
C ARG A 143 22.75 7.26 -0.42
N ASP A 144 23.78 8.07 -0.17
CA ASP A 144 24.62 7.93 1.02
C ASP A 144 24.42 9.06 2.00
N VAL A 145 24.49 8.73 3.28
CA VAL A 145 24.33 9.74 4.31
C VAL A 145 25.69 9.88 5.00
N GLY A 146 26.15 11.13 5.11
CA GLY A 146 27.44 11.45 5.70
C GLY A 146 27.83 10.68 6.95
N PRO A 147 29.01 10.98 7.52
CA PRO A 147 29.44 10.27 8.73
C PRO A 147 28.43 10.49 9.85
N LEU A 148 28.07 9.40 10.52
CA LEU A 148 27.10 9.47 11.61
C LEU A 148 27.83 9.45 12.94
N SER A 149 27.13 9.84 13.99
CA SER A 149 27.71 9.91 15.34
C SER A 149 26.75 9.48 16.45
N LYS A 150 25.45 9.53 16.16
CA LYS A 150 24.43 9.17 17.14
C LYS A 150 23.95 7.73 16.98
N LYS A 151 23.01 7.31 17.82
CA LYS A 151 22.50 5.95 17.79
C LYS A 151 21.67 5.58 16.58
N GLY A 152 20.71 6.42 16.22
CA GLY A 152 19.90 6.10 15.06
C GLY A 152 19.52 7.33 14.25
N PHE A 153 18.49 7.18 13.43
CA PHE A 153 18.03 8.29 12.62
C PHE A 153 16.67 8.05 12.00
N TYR A 154 16.11 9.12 11.44
CA TYR A 154 14.81 9.07 10.81
C TYR A 154 14.98 9.49 9.35
N LEU A 155 14.18 8.92 8.45
CA LEU A 155 14.24 9.31 7.04
C LEU A 155 13.01 10.09 6.67
N ALA A 156 13.21 11.27 6.09
CA ALA A 156 12.07 12.12 5.70
C ALA A 156 11.92 12.23 4.22
N PHE A 157 10.67 12.22 3.76
CA PHE A 157 10.36 12.34 2.34
C PHE A 157 9.45 13.55 2.16
N GLN A 158 9.82 14.43 1.25
CA GLN A 158 9.05 15.65 1.03
C GLN A 158 8.47 15.78 -0.35
N ASP A 159 7.14 15.76 -0.45
CA ASP A 159 6.48 15.91 -1.75
C ASP A 159 6.22 17.38 -2.03
N VAL A 160 6.30 17.77 -3.30
CA VAL A 160 6.07 19.14 -3.67
C VAL A 160 5.19 19.26 -4.93
N GLY A 161 4.40 18.22 -5.19
CA GLY A 161 3.53 18.26 -6.34
C GLY A 161 3.86 17.30 -7.48
N ALA A 162 4.30 16.10 -7.15
CA ALA A 162 4.62 15.12 -8.17
C ALA A 162 3.74 13.90 -7.96
N CYS A 163 3.29 13.28 -9.04
CA CYS A 163 2.45 12.08 -8.94
C CYS A 163 3.38 10.89 -8.71
N ILE A 164 3.79 10.72 -7.47
CA ILE A 164 4.74 9.68 -7.11
C ILE A 164 4.21 8.61 -6.17
N ALA A 165 4.88 7.46 -6.19
CA ALA A 165 4.54 6.34 -5.34
C ALA A 165 5.83 5.67 -4.90
N LEU A 166 5.96 5.39 -3.61
CA LEU A 166 7.16 4.73 -3.11
C LEU A 166 6.83 3.25 -2.94
N VAL A 167 7.43 2.42 -3.79
CA VAL A 167 7.18 1.00 -3.72
C VAL A 167 8.01 0.35 -2.63
N SER A 168 9.29 0.73 -2.53
CA SER A 168 10.14 0.15 -1.51
C SER A 168 11.18 1.09 -0.94
N VAL A 169 11.48 0.88 0.34
CA VAL A 169 12.48 1.68 1.04
C VAL A 169 13.34 0.73 1.83
N ARG A 170 14.59 0.63 1.41
CA ARG A 170 15.55 -0.26 2.04
C ARG A 170 16.77 0.54 2.45
N VAL A 171 17.32 0.23 3.61
CA VAL A 171 18.51 0.90 4.10
C VAL A 171 19.47 -0.17 4.63
N PHE A 172 20.77 0.02 4.44
CA PHE A 172 21.79 -0.92 4.89
C PHE A 172 23.10 -0.16 5.04
N TYR A 173 24.20 -0.85 5.39
CA TYR A 173 25.46 -0.14 5.56
C TYR A 173 26.77 -0.69 4.95
N LYS A 174 26.73 -1.88 4.36
CA LYS A 174 27.94 -2.45 3.76
C LYS A 174 29.10 -2.61 4.75
N LYS A 175 29.30 -3.83 5.24
CA LYS A 175 30.34 -4.13 6.22
C LYS A 175 31.77 -4.20 5.67
N SER B 1 -12.67 11.43 7.60
CA SER B 1 -12.80 11.38 6.13
C SER B 1 -11.94 10.25 5.54
N ILE B 2 -12.16 9.95 4.27
CA ILE B 2 -11.46 8.88 3.53
C ILE B 2 -11.33 7.52 4.25
N VAL B 3 -10.70 7.47 5.41
CA VAL B 3 -10.57 6.19 6.13
C VAL B 3 -11.97 5.62 6.28
N LEU B 4 -12.22 4.51 5.60
CA LEU B 4 -13.55 3.90 5.56
C LEU B 4 -14.00 2.89 6.62
N GLU B 5 -13.23 2.65 7.66
CA GLU B 5 -13.67 1.68 8.68
C GLU B 5 -13.34 0.27 8.20
N PRO B 6 -12.31 -0.35 8.79
CA PRO B 6 -11.88 -1.70 8.42
C PRO B 6 -13.01 -2.69 8.22
N ILE B 7 -12.75 -3.70 7.40
CA ILE B 7 -13.73 -4.73 7.12
C ILE B 7 -13.14 -6.10 7.35
N TYR B 8 -13.26 -6.59 8.59
CA TYR B 8 -12.75 -7.89 8.94
C TYR B 8 -13.40 -8.96 8.10
N TRP B 9 -12.57 -9.73 7.41
CA TRP B 9 -13.05 -10.83 6.57
C TRP B 9 -13.07 -12.05 7.48
N ASN B 10 -14.19 -12.22 8.18
CA ASN B 10 -14.34 -13.33 9.10
C ASN B 10 -15.83 -13.62 9.34
N SER B 11 -16.22 -14.87 9.05
CA SER B 11 -17.60 -15.36 9.16
C SER B 11 -18.43 -14.75 10.29
N SER B 12 -17.79 -14.40 11.40
CA SER B 12 -18.51 -13.82 12.52
C SER B 12 -18.93 -12.40 12.22
N ASN B 13 -18.36 -11.82 11.16
CA ASN B 13 -18.70 -10.46 10.80
C ASN B 13 -20.17 -10.36 10.38
N SER B 14 -20.96 -9.76 11.24
CA SER B 14 -22.38 -9.57 10.99
C SER B 14 -22.67 -8.77 9.73
N LYS B 15 -21.74 -7.90 9.36
CA LYS B 15 -21.89 -7.04 8.18
C LYS B 15 -21.97 -7.82 6.87
N PHE B 16 -21.60 -9.09 6.91
CA PHE B 16 -21.70 -9.91 5.71
C PHE B 16 -23.10 -10.50 5.71
N LEU B 17 -24.06 -9.72 5.22
CA LEU B 17 -25.45 -10.15 5.17
C LEU B 17 -25.61 -11.43 4.37
N PRO B 18 -25.74 -12.56 5.09
CA PRO B 18 -25.88 -13.89 4.49
C PRO B 18 -26.84 -13.94 3.31
N GLY B 19 -26.33 -14.40 2.17
CA GLY B 19 -27.13 -14.50 0.97
C GLY B 19 -26.96 -13.31 0.04
N GLN B 20 -26.37 -12.23 0.54
CA GLN B 20 -26.16 -11.02 -0.24
C GLN B 20 -24.82 -10.37 0.09
N GLY B 21 -23.98 -11.07 0.84
CA GLY B 21 -22.70 -10.52 1.20
C GLY B 21 -22.84 -9.15 1.81
N LEU B 22 -21.78 -8.36 1.75
CA LEU B 22 -21.79 -7.01 2.28
C LEU B 22 -21.59 -6.04 1.14
N VAL B 23 -22.48 -5.07 1.03
CA VAL B 23 -22.44 -4.07 -0.04
C VAL B 23 -21.90 -2.73 0.45
N LEU B 24 -21.01 -2.14 -0.34
CA LEU B 24 -20.44 -0.85 0.00
C LEU B 24 -20.60 0.19 -1.09
N TYR B 25 -20.55 1.45 -0.69
CA TYR B 25 -20.70 2.56 -1.62
C TYR B 25 -19.53 3.54 -1.52
N PRO B 26 -18.28 3.02 -1.64
CA PRO B 26 -17.05 3.81 -1.57
C PRO B 26 -16.92 4.82 -2.69
N GLN B 27 -16.41 6.01 -2.37
CA GLN B 27 -16.22 7.05 -3.37
C GLN B 27 -14.74 7.23 -3.67
N ILE B 28 -14.43 7.99 -4.71
CA ILE B 28 -13.05 8.25 -5.12
C ILE B 28 -12.27 9.02 -4.06
N GLY B 29 -11.19 8.40 -3.59
CA GLY B 29 -10.35 8.98 -2.56
C GLY B 29 -10.45 8.16 -1.29
N ASP B 30 -11.57 7.44 -1.18
CA ASP B 30 -11.81 6.60 -0.03
C ASP B 30 -10.75 5.50 0.10
N LYS B 31 -10.36 5.25 1.33
CA LYS B 31 -9.35 4.24 1.67
C LYS B 31 -10.06 3.13 2.45
N LEU B 32 -9.72 1.88 2.18
CA LEU B 32 -10.40 0.79 2.88
C LEU B 32 -9.48 -0.35 3.27
N ASP B 33 -9.71 -0.87 4.47
CA ASP B 33 -8.88 -1.95 5.00
C ASP B 33 -9.61 -3.28 5.21
N ILE B 34 -9.23 -4.29 4.44
CA ILE B 34 -9.79 -5.62 4.59
C ILE B 34 -8.84 -6.30 5.56
N ILE B 35 -9.35 -6.75 6.70
CA ILE B 35 -8.49 -7.37 7.69
C ILE B 35 -8.80 -8.80 8.08
N CYS B 36 -7.72 -9.55 8.29
CA CYS B 36 -7.76 -10.93 8.70
C CYS B 36 -6.93 -10.98 9.97
N PRO B 37 -7.56 -10.70 11.12
CA PRO B 37 -6.89 -10.70 12.42
C PRO B 37 -6.31 -12.04 12.89
N LYS B 38 -5.42 -11.95 13.87
CA LYS B 38 -4.74 -13.10 14.46
C LYS B 38 -5.63 -13.85 15.46
N VAL B 39 -5.00 -14.59 16.36
CA VAL B 39 -5.73 -15.33 17.39
C VAL B 39 -4.84 -15.68 18.59
N THR B 43 -7.86 -15.85 23.41
CA THR B 43 -7.53 -16.16 22.02
C THR B 43 -6.40 -17.19 21.98
N VAL B 44 -6.29 -17.94 20.88
CA VAL B 44 -5.27 -18.98 20.71
C VAL B 44 -5.78 -20.32 21.23
N GLN B 46 -9.22 -22.88 14.93
CA GLN B 46 -10.33 -21.94 15.03
C GLN B 46 -10.17 -20.74 14.08
N TYR B 47 -8.96 -20.56 13.56
CA TYR B 47 -8.66 -19.46 12.64
C TYR B 47 -9.19 -19.84 11.26
N GLU B 48 -9.86 -18.88 10.60
CA GLU B 48 -10.45 -19.08 9.28
C GLU B 48 -9.48 -18.76 8.14
N TYR B 49 -9.06 -19.80 7.42
CA TYR B 49 -8.14 -19.68 6.30
C TYR B 49 -8.87 -19.20 5.06
N TYR B 50 -8.37 -18.13 4.47
CA TYR B 50 -8.98 -17.56 3.27
C TYR B 50 -7.95 -17.09 2.26
N LYS B 51 -8.42 -16.99 1.03
CA LYS B 51 -7.63 -16.52 -0.10
C LYS B 51 -8.59 -15.58 -0.84
N VAL B 52 -8.54 -14.31 -0.48
CA VAL B 52 -9.43 -13.30 -1.04
C VAL B 52 -8.99 -12.72 -2.38
N TYR B 53 -9.88 -12.78 -3.38
CA TYR B 53 -9.57 -12.25 -4.70
C TYR B 53 -10.58 -11.20 -5.12
N MET B 54 -10.19 -10.41 -6.12
CA MET B 54 -11.11 -9.43 -6.67
C MET B 54 -11.48 -9.99 -8.03
N VAL B 55 -12.78 -10.05 -8.29
CA VAL B 55 -13.20 -10.62 -9.57
C VAL B 55 -14.33 -9.85 -10.23
N ASP B 56 -14.58 -10.16 -11.49
CA ASP B 56 -15.64 -9.51 -12.25
C ASP B 56 -16.97 -10.07 -11.83
N LYS B 57 -18.04 -9.40 -12.25
CA LYS B 57 -19.40 -9.82 -11.90
C LYS B 57 -19.63 -11.28 -12.21
N ASP B 58 -19.05 -11.75 -13.31
CA ASP B 58 -19.21 -13.13 -13.72
C ASP B 58 -18.79 -14.05 -12.59
N GLN B 59 -17.51 -13.98 -12.23
CA GLN B 59 -16.97 -14.83 -11.16
C GLN B 59 -17.59 -14.50 -9.80
N ALA B 60 -18.02 -13.25 -9.63
CA ALA B 60 -18.64 -12.82 -8.39
C ALA B 60 -19.91 -13.63 -8.18
N ASP B 61 -20.79 -13.62 -9.17
CA ASP B 61 -22.02 -14.40 -9.09
C ASP B 61 -21.61 -15.83 -9.43
N ARG B 62 -22.32 -16.82 -8.91
CA ARG B 62 -21.96 -18.19 -9.20
C ARG B 62 -20.49 -18.36 -8.85
N CYS B 63 -20.17 -18.08 -7.59
CA CYS B 63 -18.81 -18.15 -7.06
C CYS B 63 -17.84 -19.19 -7.58
N THR B 64 -16.95 -18.74 -8.45
CA THR B 64 -15.91 -19.59 -9.05
C THR B 64 -14.67 -18.72 -9.11
N ILE B 65 -13.49 -19.36 -9.10
CA ILE B 65 -12.24 -18.62 -9.15
C ILE B 65 -11.29 -19.21 -10.20
N LYS B 66 -10.43 -18.39 -10.76
CA LYS B 66 -9.46 -18.85 -11.77
C LYS B 66 -8.04 -18.63 -11.28
N GLU B 68 -3.59 -13.31 -12.98
CA GLU B 68 -4.18 -14.60 -13.33
C GLU B 68 -5.01 -15.04 -12.13
N ASN B 69 -5.81 -14.10 -11.62
CA ASN B 69 -6.64 -14.32 -10.45
C ASN B 69 -5.70 -14.53 -9.27
N THR B 70 -5.32 -13.41 -8.65
CA THR B 70 -4.41 -13.39 -7.50
C THR B 70 -5.06 -12.83 -6.22
N PRO B 71 -4.72 -13.41 -5.06
CA PRO B 71 -5.23 -13.01 -3.75
C PRO B 71 -4.78 -11.65 -3.26
N LEU B 72 -5.73 -10.85 -2.78
CA LEU B 72 -5.39 -9.55 -2.22
C LEU B 72 -5.04 -9.85 -0.76
N LEU B 73 -5.67 -10.91 -0.23
CA LEU B 73 -5.46 -11.37 1.14
C LEU B 73 -5.20 -12.87 1.16
N ASN B 74 -4.04 -13.28 1.63
CA ASN B 74 -3.74 -14.71 1.73
C ASN B 74 -3.76 -15.01 3.21
N CYS B 75 -4.94 -14.88 3.80
CA CYS B 75 -5.16 -15.15 5.20
C CYS B 75 -4.80 -16.59 5.42
N ALA B 76 -3.60 -16.80 5.96
CA ALA B 76 -3.11 -18.15 6.23
C ALA B 76 -2.02 -18.10 7.29
N LYS B 77 -1.88 -16.94 7.93
CA LYS B 77 -0.88 -16.72 9.00
C LYS B 77 -1.64 -16.44 10.30
N PRO B 78 -2.15 -17.49 10.97
CA PRO B 78 -2.91 -17.42 12.24
C PRO B 78 -2.28 -16.67 13.42
N ASP B 79 -0.96 -16.48 13.42
CA ASP B 79 -0.33 -15.77 14.52
C ASP B 79 -0.32 -14.24 14.36
N GLN B 80 -0.41 -13.74 13.12
CA GLN B 80 -0.39 -12.30 12.89
C GLN B 80 -1.55 -11.88 12.00
N ASP B 81 -1.72 -10.57 11.85
CA ASP B 81 -2.78 -10.00 11.02
C ASP B 81 -2.41 -9.89 9.54
N ILE B 82 -3.34 -10.25 8.68
CA ILE B 82 -3.15 -10.15 7.24
C ILE B 82 -4.02 -8.98 6.83
N LYS B 83 -3.56 -8.16 5.90
CA LYS B 83 -4.35 -7.01 5.51
C LYS B 83 -3.98 -6.35 4.18
N PHE B 84 -4.99 -5.89 3.45
CA PHE B 84 -4.79 -5.19 2.19
C PHE B 84 -5.59 -3.92 2.27
N THR B 85 -4.89 -2.80 2.13
CA THR B 85 -5.51 -1.50 2.19
C THR B 85 -5.79 -1.05 0.76
N ILE B 86 -7.07 -0.98 0.41
CA ILE B 86 -7.44 -0.54 -0.93
C ILE B 86 -7.66 0.96 -0.99
N LYS B 87 -7.15 1.58 -2.05
CA LYS B 87 -7.26 3.03 -2.26
C LYS B 87 -8.12 3.33 -3.50
N PHE B 88 -9.35 3.76 -3.26
CA PHE B 88 -10.29 4.04 -4.34
C PHE B 88 -9.96 5.24 -5.21
N GLN B 89 -8.96 5.06 -6.07
CA GLN B 89 -8.50 6.10 -6.98
C GLN B 89 -8.66 5.69 -8.45
N GLU B 90 -9.00 6.65 -9.31
CA GLU B 90 -9.13 6.34 -10.72
C GLU B 90 -7.72 6.10 -11.25
N PHE B 91 -6.92 7.16 -11.20
CA PHE B 91 -5.55 7.16 -11.68
C PHE B 91 -4.60 6.89 -10.51
N SER B 92 -3.86 5.80 -10.61
CA SER B 92 -2.93 5.40 -9.56
C SER B 92 -1.51 5.90 -9.73
N PRO B 93 -0.97 6.56 -8.68
CA PRO B 93 0.39 7.11 -8.67
C PRO B 93 1.39 5.95 -8.75
N ASN B 94 0.89 4.76 -8.44
CA ASN B 94 1.69 3.53 -8.46
C ASN B 94 1.26 2.70 -9.67
N LEU B 95 2.24 2.10 -10.31
CA LEU B 95 2.01 1.29 -11.50
C LEU B 95 1.39 -0.09 -11.23
N TRP B 96 1.70 -0.66 -10.07
CA TRP B 96 1.16 -1.97 -9.69
C TRP B 96 -0.07 -1.81 -8.82
N GLY B 97 -0.57 -0.58 -8.70
CA GLY B 97 -1.72 -0.32 -7.87
C GLY B 97 -3.09 -0.28 -8.54
N LEU B 98 -4.06 -0.91 -7.88
CA LEU B 98 -5.43 -0.98 -8.40
C LEU B 98 -5.99 0.40 -8.73
N GLU B 99 -6.93 0.44 -9.68
CA GLU B 99 -7.56 1.69 -10.05
C GLU B 99 -9.05 1.46 -10.22
N PHE B 100 -9.82 2.51 -10.00
CA PHE B 100 -11.26 2.38 -10.10
C PHE B 100 -11.81 3.51 -10.95
N GLN B 101 -13.12 3.46 -11.16
CA GLN B 101 -13.85 4.44 -11.96
C GLN B 101 -15.20 4.67 -11.29
N LYS B 102 -15.62 5.92 -11.21
CA LYS B 102 -16.90 6.21 -10.58
C LYS B 102 -18.03 5.52 -11.34
N ASN B 103 -19.00 5.01 -10.59
CA ASN B 103 -20.17 4.34 -11.15
C ASN B 103 -19.95 2.96 -11.77
N LYS B 104 -19.02 2.21 -11.20
CA LYS B 104 -18.72 0.85 -11.64
C LYS B 104 -18.72 0.00 -10.39
N ASP B 105 -19.07 -1.27 -10.52
CA ASP B 105 -19.06 -2.15 -9.37
C ASP B 105 -17.84 -3.04 -9.39
N TYR B 106 -17.34 -3.34 -8.19
CA TYR B 106 -16.17 -4.17 -8.03
C TYR B 106 -16.52 -5.23 -7.00
N TYR B 107 -16.15 -6.48 -7.27
CA TYR B 107 -16.49 -7.58 -6.37
C TYR B 107 -15.31 -8.33 -5.80
N ILE B 108 -15.37 -8.59 -4.50
CA ILE B 108 -14.33 -9.32 -3.80
C ILE B 108 -14.90 -10.57 -3.13
N ILE B 109 -14.46 -11.74 -3.58
CA ILE B 109 -14.96 -12.98 -3.03
C ILE B 109 -13.85 -13.92 -2.60
N SER B 110 -14.26 -15.03 -1.99
CA SER B 110 -13.35 -16.08 -1.53
C SER B 110 -14.07 -17.42 -1.70
N THR B 111 -13.39 -18.39 -2.29
CA THR B 111 -14.05 -19.70 -2.47
C THR B 111 -13.45 -20.77 -1.57
N SER B 112 -12.75 -20.32 -0.53
CA SER B 112 -12.13 -21.22 0.44
C SER B 112 -13.18 -21.84 1.36
N ASN B 113 -12.89 -23.02 1.89
CA ASN B 113 -13.80 -23.71 2.82
C ASN B 113 -13.82 -22.95 4.13
N GLY B 114 -12.74 -22.23 4.39
CA GLY B 114 -12.61 -21.48 5.61
C GLY B 114 -11.54 -22.19 6.40
N SER B 115 -11.41 -23.48 6.11
CA SER B 115 -10.43 -24.32 6.77
C SER B 115 -9.16 -24.35 5.93
N LEU B 116 -8.05 -24.75 6.55
CA LEU B 116 -6.77 -24.84 5.86
C LEU B 116 -6.90 -25.86 4.73
N GLU B 117 -7.60 -26.95 5.05
CA GLU B 117 -7.85 -28.03 4.10
C GLU B 117 -8.16 -27.48 2.72
N GLY B 118 -9.27 -26.77 2.59
CA GLY B 118 -9.67 -26.22 1.30
C GLY B 118 -9.41 -24.74 1.10
N LEU B 119 -8.13 -24.38 1.07
CA LEU B 119 -7.70 -23.01 0.90
C LEU B 119 -7.57 -22.66 -0.57
N ASP B 120 -7.40 -23.69 -1.40
CA ASP B 120 -7.27 -23.49 -2.84
C ASP B 120 -8.50 -23.86 -3.66
N ASN B 121 -9.65 -24.07 -3.02
CA ASN B 121 -10.86 -24.41 -3.76
C ASN B 121 -11.15 -23.30 -4.75
N GLN B 122 -11.35 -23.69 -6.01
CA GLN B 122 -11.64 -22.73 -7.06
C GLN B 122 -13.14 -22.62 -7.30
N GLU B 123 -13.94 -23.38 -6.56
CA GLU B 123 -15.38 -23.37 -6.75
C GLU B 123 -16.18 -23.14 -5.46
N GLY B 124 -17.22 -22.33 -5.57
CA GLY B 124 -18.09 -22.05 -4.43
C GLY B 124 -17.41 -21.66 -3.12
N GLY B 125 -17.35 -22.60 -2.20
CA GLY B 125 -16.71 -22.34 -0.92
C GLY B 125 -17.40 -21.26 -0.10
N VAL B 126 -16.72 -20.87 0.98
CA VAL B 126 -17.22 -19.87 1.91
C VAL B 126 -18.18 -18.89 1.26
N CYS B 127 -17.78 -18.33 0.13
CA CYS B 127 -18.65 -17.39 -0.56
C CYS B 127 -20.05 -17.97 -0.69
N GLN B 128 -20.14 -19.05 -1.46
CA GLN B 128 -21.41 -19.72 -1.70
C GLN B 128 -22.22 -19.85 -0.43
N THR B 129 -21.56 -20.31 0.64
CA THR B 129 -22.19 -20.54 1.93
C THR B 129 -22.51 -19.32 2.79
N ARG B 130 -21.53 -18.89 3.59
CA ARG B 130 -21.68 -17.74 4.48
C ARG B 130 -22.01 -16.46 3.73
N ALA B 131 -21.77 -16.48 2.43
CA ALA B 131 -22.01 -15.33 1.55
C ALA B 131 -21.00 -14.25 1.85
N MET B 132 -19.74 -14.66 1.95
CA MET B 132 -18.67 -13.72 2.22
C MET B 132 -18.17 -13.05 0.96
N LYS B 133 -19.04 -12.20 0.41
CA LYS B 133 -18.75 -11.44 -0.79
C LYS B 133 -18.88 -9.97 -0.42
N ILE B 134 -18.14 -9.12 -1.12
CA ILE B 134 -18.19 -7.68 -0.90
C ILE B 134 -18.43 -7.01 -2.24
N LEU B 135 -19.56 -6.33 -2.37
CA LEU B 135 -19.86 -5.62 -3.60
C LEU B 135 -19.62 -4.15 -3.32
N MET B 136 -18.78 -3.52 -4.13
CA MET B 136 -18.50 -2.10 -3.94
C MET B 136 -19.07 -1.28 -5.10
N LYS B 137 -20.06 -0.45 -4.81
CA LYS B 137 -20.67 0.39 -5.81
C LYS B 137 -20.01 1.77 -5.74
N VAL B 138 -18.83 1.86 -6.34
CA VAL B 138 -18.06 3.10 -6.34
C VAL B 138 -18.88 4.30 -6.80
N GLY B 139 -18.83 5.36 -6.01
CA GLY B 139 -19.54 6.59 -6.31
C GLY B 139 -21.05 6.52 -6.49
N GLN B 140 -21.69 5.48 -5.95
CA GLN B 140 -23.13 5.35 -6.10
C GLN B 140 -23.84 5.32 -4.74
N ASP B 141 -25.08 5.82 -4.71
CA ASP B 141 -25.86 5.84 -3.47
C ASP B 141 -26.44 4.47 -3.21
N ALA B 142 -27.39 4.40 -2.27
CA ALA B 142 -28.05 3.15 -1.91
C ALA B 142 -29.57 3.29 -2.07
N SER B 143 -30.14 2.48 -2.96
CA SER B 143 -31.57 2.50 -3.23
C SER B 143 -32.43 2.25 -2.00
#